data_5TPS
#
_entry.id   5TPS
#
_cell.length_a   49.260
_cell.length_b   79.520
_cell.length_c   137.980
_cell.angle_alpha   90.00
_cell.angle_beta   90.00
_cell.angle_gamma   90.00
#
_symmetry.space_group_name_H-M   'P 21 21 21'
#
loop_
_entity.id
_entity.type
_entity.pdbx_description
1 polymer 'Ig gamma-1 chain C region'
2 polymer 'Ig gamma-1 chain C region'
3 branched beta-D-galactopyranose-(1-4)-2-acetamido-2-deoxy-beta-D-glucopyranose-(1-2)-alpha-D-mannopyranose-(1-6)-[alpha-D-mannopyranose-(1-3)]beta-D-mannopyranose-(1-4)-2-acetamido-2-deoxy-beta-D-glucopyranose-(1-4)-2-acetamido-2-deoxy-beta-D-glucopyranose
4 branched beta-D-galactopyranose-(1-4)-2-acetamido-2-deoxy-beta-D-glucopyranose-(1-2)-alpha-D-mannopyranose-(1-6)-[2-acetamido-2-deoxy-beta-D-glucopyranose-(1-2)-alpha-D-mannopyranose-(1-3)]beta-D-mannopyranose-(1-4)-2-acetamido-2-deoxy-beta-D-glucopyranose-(1-4)-[alpha-L-fucopyranose-(1-6)]2-acetamido-2-deoxy-beta-D-glucopyranose
5 water water
#
loop_
_entity_poly.entity_id
_entity_poly.type
_entity_poly.pdbx_seq_one_letter_code
_entity_poly.pdbx_strand_id
1 'polypeptide(L)'
;GSGGGDKTHTCPPCPAPELLGGPSVFLFPPKPKDTLMISRTPEVTCVVVDVSHEDPEVKFNWYVDGVEVHNAKTKPREEQ
YNSTYRVVSVLTVLHQDWLNGKEYKCKVSNKALPAPIEKTISKAKGQPREPQVCTLPPSRDELTKNQVSLSCAVKGFYPS
DIAVEWESNGQPENNYKTTPPVLDSDGSFKLVSKLTVDKSRWQQGNVFSCSVMHEALHNHYTQKSLSLSPGKGGSHHHHH
HHH
;
B
2 'polypeptide(L)'
;GSGGGDKTHTCPPCPAPELLGGPSVFLFPPKPKDTLMISRTPEVTCVVVDVSHEDPEVKFNWYVDGVEVHNAKTKPREEQ
YNSTYRVVSVLTVLHQDWLNGKEYKCKVSNKALPAPIEKTISKAKGQPREPQVYTLPPCRDELTKNQVSLWCLVKGFYPS
DIAVEWESNGQPENNYKTTPPVLDSDGSFFLYSALTVDKSRWQQGNVFSCSVMHEALHNHYTQKSLSLSPGK
;
A
#
loop_
_chem_comp.id
_chem_comp.type
_chem_comp.name
_chem_comp.formula
BMA D-saccharide, beta linking beta-D-mannopyranose 'C6 H12 O6'
FUC L-saccharide, alpha linking alpha-L-fucopyranose 'C6 H12 O5'
GAL D-saccharide, beta linking beta-D-galactopyranose 'C6 H12 O6'
MAN D-saccharide, alpha linking alpha-D-mannopyranose 'C6 H12 O6'
NAG D-saccharide, beta linking 2-acetamido-2-deoxy-beta-D-glucopyranose 'C8 H15 N O6'
#
# COMPACT_ATOMS: atom_id res chain seq x y z
N SER A 24 15.00 2.70 20.95
CA SER A 24 14.15 2.20 19.85
C SER A 24 14.68 0.92 19.19
N VAL A 25 13.98 -0.19 19.44
CA VAL A 25 14.26 -1.46 18.77
C VAL A 25 13.13 -1.75 17.79
N PHE A 26 13.49 -2.35 16.66
CA PHE A 26 12.54 -2.77 15.63
C PHE A 26 13.00 -4.12 15.12
N LEU A 27 12.14 -5.13 15.25
CA LEU A 27 12.48 -6.48 14.87
C LEU A 27 11.71 -6.88 13.62
N PHE A 28 12.45 -7.34 12.59
CA PHE A 28 11.96 -7.53 11.23
C PHE A 28 11.96 -9.00 10.85
N PRO A 29 10.95 -9.43 10.09
CA PRO A 29 10.85 -10.85 9.71
C PRO A 29 11.77 -11.20 8.55
N PRO A 30 11.86 -12.48 8.20
CA PRO A 30 12.64 -12.85 7.03
C PRO A 30 11.89 -12.49 5.76
N LYS A 31 12.63 -12.50 4.68
CA LYS A 31 11.99 -12.26 3.40
C LYS A 31 11.25 -13.52 2.97
N PRO A 32 10.09 -13.38 2.34
CA PRO A 32 9.31 -14.57 1.99
C PRO A 32 10.09 -15.64 1.23
N LYS A 33 10.81 -15.31 0.16
CA LYS A 33 11.44 -16.40 -0.59
C LYS A 33 12.59 -17.03 0.19
N ASP A 34 13.10 -16.38 1.24
CA ASP A 34 14.15 -16.99 2.05
C ASP A 34 13.62 -18.21 2.81
N THR A 35 12.36 -18.16 3.24
CA THR A 35 11.78 -19.23 4.06
C THR A 35 11.25 -20.39 3.23
N LEU A 36 10.94 -20.14 1.95
CA LEU A 36 10.31 -21.14 1.10
C LEU A 36 11.28 -21.96 0.26
N MET A 37 12.55 -21.54 0.15
CA MET A 37 13.56 -22.29 -0.58
C MET A 37 14.60 -22.80 0.41
N ILE A 38 14.77 -24.12 0.48
CA ILE A 38 15.76 -24.70 1.38
C ILE A 38 17.16 -24.10 1.16
N SER A 39 17.46 -23.68 -0.07
CA SER A 39 18.82 -23.27 -0.45
C SER A 39 19.18 -21.87 0.05
N ARG A 40 18.21 -21.02 0.36
CA ARG A 40 18.50 -19.66 0.80
C ARG A 40 18.45 -19.60 2.31
N THR A 41 19.03 -18.54 2.87
CA THR A 41 19.13 -18.52 4.32
C THR A 41 18.26 -17.41 4.90
N PRO A 42 17.20 -17.78 5.62
CA PRO A 42 16.27 -16.79 6.18
C PRO A 42 16.81 -16.16 7.45
N GLU A 43 16.67 -14.84 7.57
CA GLU A 43 17.23 -14.07 8.68
C GLU A 43 16.19 -13.14 9.30
N VAL A 44 16.09 -13.15 10.63
CA VAL A 44 15.38 -12.11 11.38
C VAL A 44 16.39 -11.06 11.81
N THR A 45 16.00 -9.80 11.68
CA THR A 45 16.89 -8.66 11.84
C THR A 45 16.39 -7.82 13.01
N CYS A 46 17.27 -7.49 13.94
CA CYS A 46 16.92 -6.66 15.09
C CYS A 46 17.71 -5.35 14.98
N VAL A 47 17.03 -4.26 14.57
CA VAL A 47 17.67 -2.96 14.40
C VAL A 47 17.53 -2.15 15.67
N VAL A 48 18.59 -1.45 16.07
CA VAL A 48 18.56 -0.58 17.26
C VAL A 48 19.16 0.79 16.92
N GLU A 57 27.76 0.74 24.01
CA GLU A 57 27.76 -0.73 23.91
C GLU A 57 26.36 -1.31 24.06
N VAL A 58 26.06 -2.32 23.23
CA VAL A 58 24.77 -2.99 23.20
C VAL A 58 25.00 -4.51 23.26
N LYS A 59 24.07 -5.22 23.87
CA LYS A 59 24.15 -6.67 23.76
C LYS A 59 22.77 -7.23 23.50
N PHE A 60 22.73 -8.22 22.61
CA PHE A 60 21.53 -8.93 22.23
C PHE A 60 21.57 -10.33 22.79
N ASN A 61 20.48 -10.80 23.37
CA ASN A 61 20.32 -12.23 23.36
C ASN A 61 19.04 -12.53 22.58
N TRP A 62 18.90 -13.77 22.19
CA TRP A 62 17.84 -14.22 21.33
C TRP A 62 17.27 -15.50 21.90
N TYR A 63 15.95 -15.59 21.86
CA TYR A 63 15.32 -16.85 22.16
C TYR A 63 14.32 -17.23 21.08
N VAL A 64 13.94 -18.49 21.16
CA VAL A 64 13.06 -19.19 20.24
C VAL A 64 12.15 -20.06 21.11
N ASP A 65 10.88 -19.68 21.26
CA ASP A 65 9.96 -20.27 22.25
C ASP A 65 10.42 -19.99 23.67
N GLY A 66 11.07 -18.87 23.95
CA GLY A 66 11.66 -18.73 25.28
C GLY A 66 12.97 -19.50 25.40
N VAL A 67 13.12 -20.60 24.65
CA VAL A 67 14.40 -21.31 24.58
C VAL A 67 15.45 -20.42 23.96
N GLU A 68 16.56 -20.22 24.67
CA GLU A 68 17.61 -19.31 24.24
C GLU A 68 18.49 -19.94 23.21
N VAL A 69 19.11 -19.09 22.43
CA VAL A 69 19.88 -19.61 21.32
C VAL A 69 21.06 -18.67 21.05
N HIS A 70 22.21 -19.27 20.72
CA HIS A 70 23.50 -18.59 20.71
C HIS A 70 24.13 -18.55 19.32
N ASN A 71 23.33 -18.72 18.29
CA ASN A 71 23.78 -18.76 16.90
C ASN A 71 23.67 -17.40 16.21
N ALA A 72 23.57 -16.31 16.96
CA ALA A 72 23.34 -14.99 16.39
C ALA A 72 24.66 -14.35 15.97
N LYS A 73 24.56 -13.27 15.19
CA LYS A 73 25.76 -12.57 14.73
C LYS A 73 25.46 -11.08 14.70
N THR A 74 25.82 -10.41 15.77
CA THR A 74 25.84 -8.97 15.81
C THR A 74 26.95 -8.48 14.87
N LYS A 75 26.62 -7.49 14.05
CA LYS A 75 27.47 -7.14 12.96
C LYS A 75 27.95 -5.71 13.09
N PRO A 76 29.23 -5.49 13.25
CA PRO A 76 29.33 -4.08 13.69
C PRO A 76 29.66 -3.13 12.54
N ARG A 77 29.36 -1.84 12.59
CA ARG A 77 28.43 -1.16 13.50
C ARG A 77 28.12 -0.01 12.58
N GLU A 78 27.18 0.89 12.88
CA GLU A 78 26.93 1.97 11.93
C GLU A 78 26.55 3.26 12.64
N GLU A 79 27.48 4.20 12.70
CA GLU A 79 27.17 5.59 13.02
C GLU A 79 26.44 6.21 11.82
N GLN A 80 25.61 7.20 12.11
CA GLN A 80 24.53 7.61 11.24
C GLN A 80 24.75 9.03 10.76
N TYR A 81 23.66 9.69 10.37
CA TYR A 81 23.61 11.08 9.93
C TYR A 81 23.06 12.04 11.01
N ASN A 82 22.76 11.58 12.25
CA ASN A 82 22.39 12.54 13.29
C ASN A 82 23.21 12.37 14.59
N SER A 83 24.36 11.69 14.53
CA SER A 83 25.34 11.46 15.62
C SER A 83 24.83 10.47 16.68
N THR A 84 24.34 9.31 16.23
CA THR A 84 23.80 8.26 17.10
C THR A 84 24.04 6.91 16.45
N TYR A 85 23.61 5.88 17.16
CA TYR A 85 24.05 4.54 16.89
C TYR A 85 23.08 3.85 15.90
N ARG A 86 23.54 2.75 15.27
CA ARG A 86 22.63 1.91 14.47
C ARG A 86 23.18 0.49 14.48
N VAL A 87 22.94 -0.22 15.58
CA VAL A 87 23.49 -1.55 15.83
C VAL A 87 22.45 -2.60 15.44
N VAL A 88 22.85 -3.52 14.58
CA VAL A 88 21.97 -4.55 14.05
C VAL A 88 22.55 -5.92 14.43
N SER A 89 21.71 -6.80 14.96
CA SER A 89 22.03 -8.21 15.09
C SER A 89 21.20 -8.98 14.06
N VAL A 90 21.68 -10.16 13.69
CA VAL A 90 21.00 -10.97 12.70
C VAL A 90 21.03 -12.40 13.18
N LEU A 91 19.89 -13.06 13.16
CA LEU A 91 19.73 -14.43 13.61
C LEU A 91 19.25 -15.26 12.44
N THR A 92 20.00 -16.29 12.09
CA THR A 92 19.53 -17.26 11.12
C THR A 92 18.45 -18.13 11.76
N VAL A 93 17.53 -18.61 10.94
CA VAL A 93 16.36 -19.34 11.40
C VAL A 93 16.23 -20.59 10.55
N LEU A 94 15.77 -21.67 11.15
CA LEU A 94 15.40 -22.84 10.37
C LEU A 94 14.06 -22.61 9.69
N HIS A 95 13.96 -23.03 8.43
CA HIS A 95 12.78 -22.73 7.63
C HIS A 95 11.52 -23.33 8.24
N GLN A 96 11.59 -24.59 8.67
CA GLN A 96 10.40 -25.21 9.24
C GLN A 96 10.05 -24.57 10.57
N ASP A 97 11.05 -24.07 11.28
CA ASP A 97 10.82 -23.40 12.55
C ASP A 97 9.92 -22.19 12.36
N TRP A 98 10.30 -21.30 11.45
CA TRP A 98 9.51 -20.11 11.21
C TRP A 98 8.17 -20.48 10.56
N LEU A 99 8.18 -21.46 9.65
CA LEU A 99 6.94 -21.87 8.99
C LEU A 99 5.99 -22.57 9.94
N ASN A 100 6.50 -23.24 10.98
CA ASN A 100 5.62 -23.76 12.03
C ASN A 100 5.17 -22.68 13.00
N GLY A 101 5.71 -21.47 12.87
CA GLY A 101 5.15 -20.33 13.58
C GLY A 101 5.78 -20.02 14.91
N LYS A 102 7.02 -20.40 15.12
CA LYS A 102 7.63 -20.21 16.41
C LYS A 102 8.09 -18.77 16.58
N GLU A 103 8.06 -18.32 17.82
CA GLU A 103 8.30 -16.93 18.17
C GLU A 103 9.79 -16.69 18.35
N TYR A 104 10.25 -15.50 17.98
CA TYR A 104 11.67 -15.14 18.05
C TYR A 104 11.86 -13.86 18.85
N LYS A 105 12.40 -13.99 20.06
CA LYS A 105 12.62 -12.86 20.96
C LYS A 105 13.97 -12.20 20.66
N CYS A 106 13.97 -10.88 20.60
CA CYS A 106 15.21 -10.11 20.49
C CYS A 106 15.36 -9.26 21.76
N LYS A 107 16.19 -9.73 22.69
CA LYS A 107 16.49 -8.93 23.87
C LYS A 107 17.58 -7.91 23.55
N VAL A 108 17.32 -6.64 23.83
CA VAL A 108 18.33 -5.60 23.70
C VAL A 108 18.60 -5.04 25.09
N SER A 109 19.87 -5.12 25.51
CA SER A 109 20.28 -4.72 26.86
C SER A 109 20.98 -3.37 26.78
N ASN A 110 20.35 -2.35 27.38
CA ASN A 110 20.97 -1.05 27.61
C ASN A 110 20.09 -0.16 28.49
N ILE A 117 14.76 -3.76 27.09
CA ILE A 117 13.80 -3.76 25.99
C ILE A 117 13.71 -5.12 25.29
N GLU A 118 12.49 -5.52 24.92
CA GLU A 118 12.28 -6.76 24.22
C GLU A 118 11.22 -6.55 23.16
N LYS A 119 11.47 -7.14 22.01
CA LYS A 119 10.45 -7.21 20.98
C LYS A 119 10.34 -8.62 20.45
N THR A 120 9.18 -8.90 19.90
CA THR A 120 8.93 -10.23 19.38
C THR A 120 8.22 -10.24 18.04
N ILE A 121 8.55 -11.25 17.23
CA ILE A 121 7.75 -11.57 16.06
C ILE A 121 7.69 -13.07 15.75
N SER A 122 6.80 -13.40 14.82
CA SER A 122 6.42 -14.77 14.49
C SER A 122 5.81 -14.75 13.09
N LYS A 123 5.67 -15.92 12.49
CA LYS A 123 4.81 -15.98 11.32
C LYS A 123 3.36 -15.67 11.72
N ALA A 124 2.61 -15.15 10.75
CA ALA A 124 1.19 -14.97 10.94
C ALA A 124 0.56 -16.32 11.29
N LYS A 125 -0.09 -16.37 12.45
CA LYS A 125 -0.80 -17.57 12.86
C LYS A 125 -2.06 -17.75 12.01
N GLY A 126 -2.47 -19.00 11.84
CA GLY A 126 -3.62 -19.23 11.00
C GLY A 126 -3.35 -20.31 9.97
N GLN A 127 -4.35 -20.67 9.16
CA GLN A 127 -4.19 -21.77 8.24
C GLN A 127 -3.73 -21.25 6.90
N PRO A 128 -2.56 -21.65 6.42
CA PRO A 128 -2.12 -21.24 5.08
C PRO A 128 -3.16 -21.59 4.03
N ARG A 129 -3.63 -20.58 3.29
CA ARG A 129 -4.57 -20.76 2.20
C ARG A 129 -3.87 -20.57 0.85
N GLU A 130 -4.21 -21.44 -0.08
CA GLU A 130 -3.49 -21.51 -1.34
C GLU A 130 -3.78 -20.28 -2.19
N PRO A 131 -2.74 -19.65 -2.77
CA PRO A 131 -2.98 -18.57 -3.74
C PRO A 131 -3.73 -19.07 -4.96
N GLN A 132 -4.64 -18.22 -5.46
CA GLN A 132 -5.28 -18.43 -6.75
C GLN A 132 -4.66 -17.46 -7.72
N VAL A 133 -4.10 -17.99 -8.80
CA VAL A 133 -3.23 -17.22 -9.66
C VAL A 133 -3.87 -17.14 -11.02
N CYS A 134 -4.10 -15.92 -11.47
CA CYS A 134 -4.97 -15.64 -12.59
C CYS A 134 -4.25 -14.62 -13.44
N THR A 135 -3.88 -15.02 -14.65
CA THR A 135 -3.21 -14.14 -15.56
C THR A 135 -4.27 -13.46 -16.43
N LEU A 136 -4.16 -12.13 -16.56
CA LEU A 136 -5.08 -11.35 -17.35
C LEU A 136 -4.33 -10.58 -18.42
N PRO A 137 -4.79 -10.62 -19.67
CA PRO A 137 -4.10 -9.93 -20.73
C PRO A 137 -4.51 -8.47 -20.77
N PRO A 138 -3.82 -7.68 -21.58
CA PRO A 138 -4.13 -6.24 -21.68
C PRO A 138 -5.57 -5.98 -22.12
N SER A 139 -5.93 -4.71 -22.01
CA SER A 139 -7.26 -4.22 -22.33
C SER A 139 -7.36 -3.81 -23.80
N ARG A 140 -8.60 -3.73 -24.29
CA ARG A 140 -8.85 -3.26 -25.64
C ARG A 140 -8.22 -1.89 -25.88
N ASP A 141 -8.55 -0.91 -25.02
CA ASP A 141 -8.04 0.44 -25.22
C ASP A 141 -6.54 0.55 -24.93
N GLU A 142 -5.96 -0.44 -24.25
CA GLU A 142 -4.55 -0.34 -23.91
C GLU A 142 -3.64 -0.48 -25.11
N LEU A 143 -4.12 -1.10 -26.18
CA LEU A 143 -3.23 -1.33 -27.31
C LEU A 143 -3.13 -0.13 -28.25
N THR A 144 -3.69 1.04 -27.91
CA THR A 144 -3.38 2.24 -28.69
C THR A 144 -1.92 2.63 -28.51
N LYS A 145 -1.38 2.41 -27.32
CA LYS A 145 -0.04 2.86 -26.94
C LYS A 145 0.97 1.74 -27.12
N ASN A 146 2.25 2.05 -26.93
CA ASN A 146 3.22 1.10 -27.43
C ASN A 146 3.66 0.09 -26.36
N GLN A 147 3.46 0.39 -25.09
CA GLN A 147 3.66 -0.65 -24.10
C GLN A 147 2.34 -1.14 -23.56
N VAL A 148 2.42 -2.31 -22.97
CA VAL A 148 1.26 -3.12 -22.65
C VAL A 148 1.45 -3.66 -21.24
N SER A 149 0.33 -3.82 -20.51
CA SER A 149 0.35 -4.28 -19.12
C SER A 149 -0.20 -5.70 -18.99
N LEU A 150 0.69 -6.67 -18.81
CA LEU A 150 0.29 -8.01 -18.41
C LEU A 150 0.05 -8.01 -16.91
N SER A 151 -1.18 -8.30 -16.51
CA SER A 151 -1.57 -8.34 -15.11
C SER A 151 -1.56 -9.77 -14.61
N CYS A 152 -1.40 -9.94 -13.31
CA CYS A 152 -1.39 -11.26 -12.69
C CYS A 152 -2.06 -11.12 -11.33
N ALA A 153 -3.34 -11.44 -11.25
CA ALA A 153 -4.05 -11.35 -9.98
C ALA A 153 -3.76 -12.60 -9.16
N VAL A 154 -3.26 -12.39 -7.95
CA VAL A 154 -3.02 -13.45 -6.99
C VAL A 154 -3.90 -13.15 -5.80
N LYS A 155 -4.94 -13.95 -5.60
CA LYS A 155 -5.87 -13.70 -4.51
C LYS A 155 -6.09 -14.97 -3.71
N GLY A 156 -6.52 -14.77 -2.47
CA GLY A 156 -7.00 -15.87 -1.67
C GLY A 156 -5.97 -16.53 -0.80
N PHE A 157 -4.83 -15.90 -0.56
CA PHE A 157 -3.73 -16.57 0.11
C PHE A 157 -3.59 -16.06 1.54
N TYR A 158 -3.05 -16.93 2.39
CA TYR A 158 -2.79 -16.59 3.78
C TYR A 158 -1.63 -17.44 4.25
N PRO A 159 -0.66 -16.87 5.01
CA PRO A 159 -0.44 -15.46 5.36
C PRO A 159 -0.08 -14.57 4.18
N SER A 160 0.16 -13.29 4.46
CA SER A 160 0.46 -12.38 3.38
C SER A 160 1.88 -12.54 2.83
N ASP A 161 2.74 -13.38 3.42
CA ASP A 161 4.11 -13.55 2.94
C ASP A 161 4.11 -14.22 1.56
N ILE A 162 4.63 -13.55 0.54
CA ILE A 162 4.55 -14.11 -0.81
C ILE A 162 5.54 -13.40 -1.71
N ALA A 163 5.97 -14.08 -2.76
CA ALA A 163 6.92 -13.56 -3.72
C ALA A 163 6.32 -13.78 -5.09
N VAL A 164 6.40 -12.77 -5.96
CA VAL A 164 5.85 -12.84 -7.30
C VAL A 164 6.90 -12.41 -8.29
N GLU A 165 7.12 -13.23 -9.32
CA GLU A 165 8.12 -12.93 -10.34
C GLU A 165 7.53 -13.18 -11.72
N TRP A 166 8.20 -12.62 -12.72
CA TRP A 166 7.83 -12.72 -14.12
C TRP A 166 9.02 -13.23 -14.93
N GLU A 167 8.73 -13.98 -15.98
CA GLU A 167 9.79 -14.47 -16.84
C GLU A 167 9.23 -14.72 -18.23
N SER A 168 10.12 -14.81 -19.21
CA SER A 168 9.76 -15.28 -20.54
C SER A 168 10.97 -16.01 -21.12
N ASN A 169 10.70 -17.10 -21.81
CA ASN A 169 11.75 -18.02 -22.27
C ASN A 169 12.76 -18.25 -21.16
N GLY A 170 12.25 -18.48 -19.95
CA GLY A 170 13.08 -18.85 -18.83
C GLY A 170 14.12 -17.82 -18.47
N GLN A 171 13.79 -16.54 -18.61
CA GLN A 171 14.74 -15.49 -18.24
C GLN A 171 13.99 -14.39 -17.51
N PRO A 172 14.63 -13.75 -16.54
CA PRO A 172 13.90 -12.84 -15.66
C PRO A 172 13.40 -11.59 -16.39
N GLU A 173 12.27 -11.06 -15.92
CA GLU A 173 11.81 -9.75 -16.35
C GLU A 173 12.38 -8.67 -15.46
N ASN A 174 12.61 -7.51 -16.04
CA ASN A 174 12.99 -6.39 -15.22
C ASN A 174 11.79 -5.51 -14.89
N ASN A 175 11.05 -5.09 -15.92
CA ASN A 175 10.04 -4.04 -15.75
C ASN A 175 8.70 -4.64 -15.29
N TYR A 176 8.65 -4.98 -14.01
CA TYR A 176 7.38 -5.28 -13.35
C TYR A 176 7.37 -4.73 -11.94
N LYS A 177 6.17 -4.60 -11.41
CA LYS A 177 5.92 -4.05 -10.08
C LYS A 177 4.73 -4.78 -9.51
N THR A 178 4.79 -5.06 -8.21
CA THR A 178 3.74 -5.79 -7.53
C THR A 178 3.05 -4.90 -6.49
N THR A 179 1.75 -5.13 -6.28
CA THR A 179 1.16 -4.28 -5.24
C THR A 179 1.28 -4.98 -3.89
N PRO A 180 1.26 -4.24 -2.79
CA PRO A 180 1.28 -4.89 -1.48
C PRO A 180 0.07 -5.77 -1.31
N PRO A 181 0.19 -6.83 -0.53
CA PRO A 181 -0.98 -7.68 -0.28
C PRO A 181 -2.04 -6.88 0.46
N VAL A 182 -3.26 -6.92 -0.05
CA VAL A 182 -4.37 -6.20 0.54
C VAL A 182 -5.33 -7.21 1.16
N LEU A 183 -5.80 -6.90 2.37
CA LEU A 183 -6.75 -7.76 3.07
C LEU A 183 -8.13 -7.71 2.39
N ASP A 184 -8.80 -8.86 2.34
CA ASP A 184 -10.14 -8.98 1.77
C ASP A 184 -11.16 -9.26 2.87
N SER A 185 -12.42 -9.27 2.41
CA SER A 185 -13.57 -9.58 3.26
C SER A 185 -13.36 -10.83 4.09
N ASP A 186 -12.97 -11.93 3.44
CA ASP A 186 -12.95 -13.25 4.05
C ASP A 186 -11.69 -13.52 4.88
N GLY A 187 -10.78 -12.57 4.91
CA GLY A 187 -9.57 -12.68 5.68
C GLY A 187 -8.35 -13.15 4.89
N SER A 188 -8.52 -13.52 3.63
CA SER A 188 -7.38 -13.80 2.78
C SER A 188 -6.76 -12.49 2.27
N PHE A 189 -5.70 -12.61 1.48
CA PHE A 189 -5.07 -11.45 0.90
C PHE A 189 -5.11 -11.57 -0.61
N LYS A 190 -4.91 -10.42 -1.24
CA LYS A 190 -4.81 -10.38 -2.68
C LYS A 190 -3.78 -9.32 -3.05
N LEU A 191 -3.21 -9.46 -4.23
CA LEU A 191 -2.40 -8.42 -4.82
C LEU A 191 -2.51 -8.54 -6.32
N VAL A 192 -1.93 -7.60 -7.04
CA VAL A 192 -1.79 -7.71 -8.48
C VAL A 192 -0.33 -7.44 -8.79
N SER A 193 0.21 -8.11 -9.80
CA SER A 193 1.56 -7.80 -10.26
C SER A 193 1.48 -7.47 -11.72
N LYS A 194 2.13 -6.38 -12.12
CA LYS A 194 1.98 -5.80 -13.45
C LYS A 194 3.33 -5.77 -14.11
N LEU A 195 3.45 -6.47 -15.22
CA LEU A 195 4.65 -6.45 -16.01
C LEU A 195 4.33 -5.70 -17.28
N THR A 196 5.23 -4.80 -17.67
CA THR A 196 5.08 -4.04 -18.89
C THR A 196 6.15 -4.49 -19.88
N VAL A 197 5.79 -4.62 -21.16
CA VAL A 197 6.74 -4.90 -22.23
C VAL A 197 6.22 -4.29 -23.53
N ASP A 198 7.04 -4.39 -24.57
CA ASP A 198 6.73 -3.80 -25.86
C ASP A 198 5.57 -4.51 -26.53
N LYS A 199 4.60 -3.74 -27.03
CA LYS A 199 3.57 -4.31 -27.90
C LYS A 199 4.21 -5.19 -28.96
N SER A 200 5.46 -4.89 -29.34
CA SER A 200 6.24 -5.73 -30.26
C SER A 200 6.26 -7.18 -29.79
N ARG A 201 6.53 -7.37 -28.51
CA ARG A 201 6.75 -8.73 -28.01
C ARG A 201 5.45 -9.46 -27.72
N TRP A 202 4.41 -8.73 -27.34
CA TRP A 202 3.11 -9.35 -27.10
C TRP A 202 2.46 -9.74 -28.41
N GLN A 203 2.47 -8.84 -29.40
CA GLN A 203 1.90 -9.15 -30.71
C GLN A 203 2.70 -10.25 -31.43
N GLN A 204 4.01 -10.34 -31.14
CA GLN A 204 4.82 -11.40 -31.72
C GLN A 204 4.55 -12.77 -31.12
N GLY A 205 4.03 -12.85 -29.90
CA GLY A 205 3.60 -14.14 -29.39
C GLY A 205 4.49 -14.77 -28.36
N ASN A 206 5.34 -14.00 -27.71
CA ASN A 206 6.18 -14.58 -26.67
C ASN A 206 5.31 -14.94 -25.47
N VAL A 207 5.62 -16.06 -24.84
CA VAL A 207 4.87 -16.47 -23.67
C VAL A 207 5.56 -15.94 -22.44
N PHE A 208 4.79 -15.28 -21.60
CA PHE A 208 5.22 -14.70 -20.34
C PHE A 208 4.54 -15.46 -19.21
N SER A 209 5.23 -15.59 -18.11
CA SER A 209 4.70 -16.37 -17.01
C SER A 209 4.91 -15.67 -15.70
N CYS A 210 3.90 -15.75 -14.87
CA CYS A 210 3.87 -15.14 -13.55
C CYS A 210 4.20 -16.23 -12.54
N SER A 211 5.36 -16.14 -11.88
CA SER A 211 5.76 -17.13 -10.88
C SER A 211 5.30 -16.66 -9.50
N VAL A 212 4.74 -17.58 -8.71
CA VAL A 212 4.30 -17.25 -7.36
C VAL A 212 4.89 -18.24 -6.37
N MET A 213 5.47 -17.72 -5.30
CA MET A 213 6.04 -18.57 -4.25
C MET A 213 5.32 -18.29 -2.93
N HIS A 214 4.90 -19.35 -2.27
CA HIS A 214 4.00 -19.24 -1.13
C HIS A 214 3.94 -20.60 -0.46
N GLU A 215 3.85 -20.62 0.88
CA GLU A 215 3.93 -21.90 1.58
C GLU A 215 2.74 -22.84 1.30
N ALA A 216 1.55 -22.31 1.00
CA ALA A 216 0.44 -23.22 0.78
C ALA A 216 0.49 -23.91 -0.59
N LEU A 217 1.34 -23.46 -1.50
CA LEU A 217 1.40 -24.10 -2.81
C LEU A 217 2.25 -25.36 -2.74
N HIS A 218 1.96 -26.31 -3.62
CA HIS A 218 2.78 -27.51 -3.65
C HIS A 218 4.16 -27.17 -4.20
N ASN A 219 5.19 -27.63 -3.48
CA ASN A 219 6.58 -27.23 -3.72
C ASN A 219 6.76 -25.72 -3.60
N HIS A 220 5.90 -25.08 -2.81
CA HIS A 220 6.02 -23.66 -2.52
C HIS A 220 6.09 -22.82 -3.80
N TYR A 221 5.49 -23.27 -4.89
CA TYR A 221 5.68 -22.57 -6.16
C TYR A 221 4.59 -22.97 -7.13
N THR A 222 4.19 -22.01 -7.95
CA THR A 222 3.26 -22.22 -9.06
C THR A 222 3.52 -21.12 -10.09
N GLN A 223 2.99 -21.36 -11.29
CA GLN A 223 3.42 -20.63 -12.47
C GLN A 223 2.26 -20.62 -13.45
N LYS A 224 1.81 -19.45 -13.85
CA LYS A 224 0.76 -19.32 -14.84
C LYS A 224 1.31 -18.53 -16.01
N SER A 225 1.15 -19.09 -17.20
CA SER A 225 1.64 -18.47 -18.42
C SER A 225 0.51 -17.74 -19.14
N LEU A 226 0.90 -16.94 -20.15
CA LEU A 226 -0.05 -16.16 -20.91
C LEU A 226 0.55 -15.71 -22.22
N SER A 227 -0.31 -15.67 -23.24
CA SER A 227 0.06 -15.14 -24.54
C SER A 227 -1.20 -14.83 -25.32
N LEU A 228 -1.03 -14.07 -26.40
CA LEU A 228 -2.15 -13.79 -27.28
C LEU A 228 -2.51 -15.02 -28.12
N SER A 229 -3.78 -15.03 -28.54
CA SER A 229 -4.23 -15.67 -29.78
C SER A 229 -5.74 -15.66 -29.86
N PRO B 23 4.24 16.43 24.08
CA PRO B 23 3.25 17.05 23.19
C PRO B 23 3.66 16.87 21.73
N SER B 24 2.81 16.19 20.97
CA SER B 24 3.07 15.81 19.60
C SER B 24 1.99 16.35 18.69
N VAL B 25 2.38 16.71 17.47
CA VAL B 25 1.50 17.33 16.49
C VAL B 25 1.46 16.48 15.21
N PHE B 26 0.27 16.30 14.64
CA PHE B 26 0.09 15.58 13.40
C PHE B 26 -0.81 16.38 12.46
N LEU B 27 -0.39 16.53 11.21
CA LEU B 27 -1.05 17.38 10.22
C LEU B 27 -1.55 16.55 9.05
N PHE B 28 -2.91 16.48 8.88
CA PHE B 28 -3.55 15.57 7.93
C PHE B 28 -4.11 16.30 6.72
N PRO B 29 -3.92 15.75 5.52
CA PRO B 29 -4.29 16.48 4.32
C PRO B 29 -5.78 16.40 4.10
N PRO B 30 -6.32 17.18 3.18
CA PRO B 30 -7.70 16.94 2.76
C PRO B 30 -7.82 15.57 2.09
N LYS B 31 -9.05 15.07 2.02
CA LYS B 31 -9.33 13.88 1.24
C LYS B 31 -9.29 14.22 -0.26
N PRO B 32 -8.85 13.29 -1.11
CA PRO B 32 -8.80 13.59 -2.55
C PRO B 32 -10.17 14.00 -3.13
N LYS B 33 -11.26 13.29 -2.80
CA LYS B 33 -12.57 13.69 -3.33
C LYS B 33 -12.90 15.12 -2.98
N ASP B 34 -12.49 15.59 -1.79
CA ASP B 34 -12.89 16.91 -1.36
C ASP B 34 -12.22 17.99 -2.18
N THR B 35 -10.96 17.78 -2.56
CA THR B 35 -10.26 18.80 -3.32
C THR B 35 -10.68 18.83 -4.77
N LEU B 36 -11.26 17.74 -5.29
CA LEU B 36 -11.60 17.61 -6.70
C LEU B 36 -13.04 17.97 -7.06
N MET B 37 -13.86 18.44 -6.11
CA MET B 37 -15.25 18.79 -6.38
C MET B 37 -15.60 20.05 -5.60
N ILE B 38 -15.95 21.11 -6.32
CA ILE B 38 -16.19 22.40 -5.68
C ILE B 38 -17.31 22.30 -4.66
N SER B 39 -18.22 21.34 -4.86
CA SER B 39 -19.33 21.13 -3.91
C SER B 39 -18.82 20.76 -2.52
N ARG B 40 -17.69 20.07 -2.43
CA ARG B 40 -17.23 19.56 -1.15
C ARG B 40 -16.29 20.54 -0.49
N THR B 41 -15.95 20.24 0.76
CA THR B 41 -15.23 21.19 1.58
C THR B 41 -13.90 20.59 1.98
N PRO B 42 -12.82 20.98 1.33
CA PRO B 42 -11.50 20.42 1.67
C PRO B 42 -10.96 21.12 2.91
N GLU B 43 -10.43 20.32 3.85
CA GLU B 43 -9.84 20.92 5.04
C GLU B 43 -8.51 20.25 5.39
N VAL B 44 -7.61 21.04 5.90
CA VAL B 44 -6.39 20.53 6.53
C VAL B 44 -6.64 20.50 8.03
N THR B 45 -6.19 19.43 8.70
CA THR B 45 -6.51 19.21 10.10
C THR B 45 -5.24 19.06 10.94
N CYS B 46 -5.05 19.95 11.89
CA CYS B 46 -3.91 19.90 12.77
C CYS B 46 -4.31 19.29 14.13
N VAL B 47 -3.64 18.21 14.52
CA VAL B 47 -4.05 17.43 15.68
C VAL B 47 -2.91 17.43 16.67
N VAL B 48 -3.23 17.78 17.92
CA VAL B 48 -2.25 17.85 18.98
C VAL B 48 -2.67 16.89 20.07
N VAL B 49 -1.72 16.05 20.52
CA VAL B 49 -2.00 15.03 21.52
C VAL B 49 -0.90 15.06 22.58
N ASP B 50 -1.19 14.37 23.68
CA ASP B 50 -0.28 14.32 24.83
C ASP B 50 -0.04 15.74 25.38
N VAL B 51 -1.12 16.53 25.42
CA VAL B 51 -1.14 17.82 26.07
C VAL B 51 -1.43 17.60 27.55
N SER B 52 -0.49 17.97 28.41
CA SER B 52 -0.59 17.63 29.82
C SER B 52 -1.63 18.48 30.52
N HIS B 53 -1.94 18.11 31.75
CA HIS B 53 -2.86 18.88 32.57
C HIS B 53 -2.22 20.14 33.13
N GLU B 54 -0.94 20.07 33.44
CA GLU B 54 -0.28 21.20 34.07
C GLU B 54 0.00 22.32 33.08
N ASP B 55 0.01 22.01 31.79
CA ASP B 55 0.13 23.03 30.74
C ASP B 55 -0.92 22.73 29.70
N PRO B 56 -2.18 23.07 29.97
CA PRO B 56 -3.25 22.65 29.05
C PRO B 56 -3.37 23.54 27.81
N GLU B 57 -3.31 24.86 27.93
CA GLU B 57 -3.69 25.72 26.79
C GLU B 57 -2.75 25.58 25.59
N VAL B 58 -3.35 25.43 24.41
CA VAL B 58 -2.66 25.26 23.12
C VAL B 58 -3.05 26.42 22.23
N LYS B 59 -2.12 26.87 21.39
CA LYS B 59 -2.35 27.96 20.46
C LYS B 59 -1.94 27.55 19.06
N PHE B 60 -2.83 27.72 18.10
CA PHE B 60 -2.52 27.41 16.72
C PHE B 60 -2.29 28.69 15.95
N ASN B 61 -1.20 28.74 15.18
CA ASN B 61 -0.99 29.74 14.13
C ASN B 61 -0.94 29.01 12.80
N TRP B 62 -1.73 29.46 11.83
CA TRP B 62 -1.78 28.86 10.52
C TRP B 62 -1.13 29.77 9.47
N TYR B 63 -0.43 29.17 8.51
CA TYR B 63 0.09 29.93 7.39
C TYR B 63 -0.12 29.12 6.13
N VAL B 64 -0.39 29.83 5.04
CA VAL B 64 -0.42 29.24 3.72
C VAL B 64 0.64 29.98 2.91
N ASP B 65 1.64 29.22 2.45
CA ASP B 65 2.81 29.78 1.74
C ASP B 65 3.54 30.84 2.56
N GLY B 66 3.64 30.60 3.86
CA GLY B 66 4.30 31.52 4.75
C GLY B 66 3.47 32.72 5.17
N VAL B 67 2.26 32.89 4.66
CA VAL B 67 1.43 34.05 5.01
C VAL B 67 0.36 33.59 5.99
N GLU B 68 0.28 34.27 7.13
CA GLU B 68 -0.60 33.83 8.21
C GLU B 68 -2.07 34.04 7.82
N VAL B 69 -2.88 33.04 8.13
CA VAL B 69 -4.31 33.09 7.91
C VAL B 69 -5.00 32.95 9.27
N HIS B 70 -6.23 33.48 9.34
CA HIS B 70 -6.93 33.56 10.62
C HIS B 70 -8.31 32.92 10.59
N ASN B 71 -8.64 32.20 9.52
CA ASN B 71 -9.99 31.67 9.38
C ASN B 71 -10.15 30.28 9.97
N ALA B 72 -9.08 29.70 10.55
CA ALA B 72 -9.19 28.34 11.02
C ALA B 72 -10.15 28.30 12.19
N LYS B 73 -10.53 27.09 12.58
CA LYS B 73 -11.51 26.89 13.63
C LYS B 73 -11.02 25.80 14.55
N THR B 74 -10.80 26.17 15.82
CA THR B 74 -10.12 25.32 16.78
C THR B 74 -11.14 24.70 17.72
N LYS B 75 -11.35 23.38 17.59
CA LYS B 75 -12.34 22.68 18.39
C LYS B 75 -11.94 22.75 19.87
N PRO B 76 -12.91 22.70 20.77
CA PRO B 76 -12.57 22.63 22.19
C PRO B 76 -11.87 21.31 22.51
N ARG B 77 -10.90 21.40 23.43
CA ARG B 77 -10.11 20.24 23.82
C ARG B 77 -10.99 19.16 24.47
N GLU B 78 -10.58 17.91 24.27
CA GLU B 78 -11.23 16.72 24.80
C GLU B 78 -10.18 15.86 25.47
N GLU B 79 -10.37 15.56 26.75
CA GLU B 79 -9.38 14.79 27.50
C GLU B 79 -9.61 13.31 27.24
N GLN B 80 -8.56 12.61 26.83
CA GLN B 80 -8.58 11.21 26.47
C GLN B 80 -8.56 10.34 27.73
N TYR B 81 -8.72 9.03 27.55
CA TYR B 81 -8.76 8.16 28.72
C TYR B 81 -7.38 7.93 29.33
N ASN B 82 -6.34 8.57 28.78
CA ASN B 82 -5.01 8.53 29.38
C ASN B 82 -4.64 9.85 30.07
N SER B 83 -5.63 10.66 30.47
CA SER B 83 -5.41 11.92 31.19
C SER B 83 -4.49 12.91 30.42
N THR B 84 -4.50 12.87 29.08
CA THR B 84 -3.88 13.88 28.24
C THR B 84 -4.92 14.44 27.28
N TYR B 85 -4.71 15.68 26.82
CA TYR B 85 -5.71 16.34 26.00
C TYR B 85 -5.44 16.14 24.52
N ARG B 86 -6.52 16.15 23.74
CA ARG B 86 -6.48 16.11 22.30
C ARG B 86 -7.13 17.39 21.81
N VAL B 87 -6.38 18.20 21.07
CA VAL B 87 -6.83 19.50 20.60
C VAL B 87 -6.66 19.51 19.10
N VAL B 88 -7.71 19.94 18.38
CA VAL B 88 -7.77 19.86 16.94
C VAL B 88 -8.07 21.24 16.38
N SER B 89 -7.45 21.57 15.24
CA SER B 89 -7.66 22.86 14.56
C SER B 89 -7.88 22.61 13.08
N VAL B 90 -8.97 23.12 12.52
CA VAL B 90 -9.37 22.76 11.17
C VAL B 90 -9.32 24.01 10.30
N LEU B 91 -8.49 23.97 9.28
CA LEU B 91 -8.39 25.04 8.30
C LEU B 91 -9.06 24.57 7.03
N THR B 92 -10.03 25.36 6.54
CA THR B 92 -10.63 25.09 5.25
C THR B 92 -9.74 25.71 4.18
N VAL B 93 -9.49 24.95 3.12
CA VAL B 93 -8.62 25.40 2.05
C VAL B 93 -9.46 25.60 0.80
N LEU B 94 -9.04 26.57 -0.01
CA LEU B 94 -9.61 26.72 -1.34
C LEU B 94 -9.13 25.59 -2.24
N HIS B 95 -10.05 25.02 -3.01
CA HIS B 95 -9.73 23.84 -3.81
C HIS B 95 -8.57 24.11 -4.75
N GLN B 96 -8.52 25.28 -5.36
CA GLN B 96 -7.47 25.51 -6.32
C GLN B 96 -6.19 25.95 -5.64
N ASP B 97 -6.27 26.41 -4.39
CA ASP B 97 -5.04 26.61 -3.62
C ASP B 97 -4.32 25.28 -3.40
N TRP B 98 -5.05 24.27 -2.97
CA TRP B 98 -4.41 22.99 -2.73
C TRP B 98 -3.89 22.40 -4.03
N LEU B 99 -4.68 22.52 -5.09
CA LEU B 99 -4.30 21.95 -6.37
C LEU B 99 -3.18 22.74 -7.02
N ASN B 100 -2.97 23.98 -6.60
CA ASN B 100 -1.79 24.72 -7.02
C ASN B 100 -0.62 24.56 -6.06
N GLY B 101 -0.67 23.59 -5.16
CA GLY B 101 0.48 23.30 -4.32
C GLY B 101 0.88 24.36 -3.31
N LYS B 102 -0.05 25.12 -2.78
CA LYS B 102 0.30 25.94 -1.62
C LYS B 102 0.69 25.04 -0.44
N GLU B 103 1.55 25.59 0.41
CA GLU B 103 2.00 24.88 1.60
C GLU B 103 1.23 25.40 2.80
N TYR B 104 0.71 24.46 3.59
CA TYR B 104 -0.09 24.78 4.77
C TYR B 104 0.77 24.45 5.98
N LYS B 105 1.01 25.45 6.82
CA LYS B 105 1.88 25.30 7.99
C LYS B 105 1.06 25.46 9.26
N CYS B 106 1.07 24.42 10.09
CA CYS B 106 0.45 24.46 11.41
C CYS B 106 1.55 24.74 12.42
N LYS B 107 1.48 25.86 13.12
CA LYS B 107 2.40 26.13 14.21
C LYS B 107 1.65 25.97 15.53
N VAL B 108 2.16 25.08 16.40
CA VAL B 108 1.54 24.73 17.66
C VAL B 108 2.41 25.21 18.82
N SER B 109 1.81 25.96 19.74
CA SER B 109 2.53 26.55 20.86
C SER B 109 1.89 26.08 22.17
N ASN B 110 2.76 25.73 23.11
CA ASN B 110 2.34 25.19 24.38
C ASN B 110 3.46 25.48 25.36
N LYS B 111 3.11 25.88 26.57
CA LYS B 111 4.17 26.31 27.46
C LYS B 111 5.03 25.15 27.90
N ALA B 112 4.55 23.93 27.71
CA ALA B 112 5.38 22.75 27.98
C ALA B 112 6.56 22.69 27.03
N LEU B 113 6.37 23.09 25.77
CA LEU B 113 7.40 22.93 24.75
C LEU B 113 8.48 24.02 24.86
N PRO B 114 9.75 23.71 24.50
CA PRO B 114 10.78 24.76 24.52
C PRO B 114 10.53 25.75 23.39
N ALA B 115 10.49 25.23 22.16
CA ALA B 115 10.05 25.97 21.00
C ALA B 115 8.73 25.39 20.45
N PRO B 116 7.88 26.23 19.88
CA PRO B 116 6.67 25.71 19.24
C PRO B 116 7.00 24.74 18.13
N ILE B 117 6.10 23.79 17.91
CA ILE B 117 6.28 22.76 16.91
C ILE B 117 5.67 23.26 15.62
N GLU B 118 6.47 23.30 14.55
CA GLU B 118 5.97 23.56 13.20
C GLU B 118 5.72 22.25 12.48
N LYS B 119 4.76 22.27 11.57
CA LYS B 119 4.44 21.13 10.74
C LYS B 119 3.87 21.68 9.44
N THR B 120 4.39 21.20 8.31
CA THR B 120 4.00 21.68 6.99
C THR B 120 3.43 20.50 6.19
N ILE B 121 2.39 20.76 5.40
CA ILE B 121 1.85 19.76 4.50
C ILE B 121 1.50 20.48 3.20
N SER B 122 1.50 19.72 2.10
CA SER B 122 1.17 20.25 0.78
C SER B 122 0.81 19.07 -0.11
N LYS B 123 0.40 19.41 -1.32
CA LYS B 123 0.33 18.42 -2.38
C LYS B 123 1.74 17.99 -2.80
N ALA B 124 1.87 16.73 -3.22
CA ALA B 124 3.15 16.29 -3.75
C ALA B 124 3.58 17.16 -4.93
N LYS B 125 4.87 17.51 -4.95
CA LYS B 125 5.42 18.30 -6.03
C LYS B 125 5.63 17.42 -7.26
N GLY B 126 5.47 18.00 -8.44
CA GLY B 126 5.61 17.18 -9.63
C GLY B 126 4.47 17.43 -10.59
N GLN B 127 4.75 17.21 -11.86
CA GLN B 127 3.77 17.53 -12.88
C GLN B 127 2.65 16.51 -12.85
N PRO B 128 1.39 16.95 -12.85
CA PRO B 128 0.28 15.99 -12.93
C PRO B 128 0.34 15.17 -14.21
N ARG B 129 -0.08 13.93 -14.09
CA ARG B 129 -0.12 13.03 -15.22
C ARG B 129 -1.46 12.29 -15.23
N GLU B 130 -2.06 12.22 -16.40
CA GLU B 130 -3.42 11.72 -16.51
C GLU B 130 -3.47 10.22 -16.23
N PRO B 131 -4.45 9.76 -15.46
CA PRO B 131 -4.63 8.32 -15.28
C PRO B 131 -5.08 7.65 -16.58
N GLN B 132 -4.59 6.44 -16.79
CA GLN B 132 -5.08 5.58 -17.86
C GLN B 132 -5.90 4.49 -17.19
N VAL B 133 -7.16 4.39 -17.58
CA VAL B 133 -8.14 3.55 -16.91
C VAL B 133 -8.50 2.43 -17.86
N TYR B 134 -8.06 1.22 -17.53
CA TYR B 134 -8.32 0.04 -18.34
C TYR B 134 -9.18 -0.88 -17.51
N THR B 135 -10.29 -1.29 -18.08
CA THR B 135 -11.12 -2.29 -17.47
C THR B 135 -10.68 -3.64 -18.00
N LEU B 136 -10.78 -4.66 -17.15
CA LEU B 136 -10.32 -5.99 -17.46
C LEU B 136 -11.32 -7.03 -16.96
N PRO B 137 -11.80 -7.92 -17.82
CA PRO B 137 -12.78 -8.94 -17.40
C PRO B 137 -12.10 -10.01 -16.58
N PRO B 138 -12.84 -10.99 -16.05
CA PRO B 138 -12.20 -12.07 -15.29
C PRO B 138 -11.36 -12.88 -16.26
N CYS B 139 -10.57 -13.82 -15.76
CA CYS B 139 -9.97 -14.68 -16.76
C CYS B 139 -10.73 -15.99 -16.85
N ARG B 140 -10.25 -16.80 -17.79
CA ARG B 140 -10.91 -18.04 -18.13
C ARG B 140 -11.07 -18.92 -16.91
N ASP B 141 -10.07 -18.91 -16.03
CA ASP B 141 -10.00 -19.92 -14.98
C ASP B 141 -10.72 -19.53 -13.69
N GLU B 142 -11.18 -18.28 -13.53
CA GLU B 142 -11.96 -17.99 -12.32
C GLU B 142 -13.43 -18.35 -12.45
N LEU B 143 -13.89 -18.71 -13.65
CA LEU B 143 -15.34 -18.93 -13.75
C LEU B 143 -15.77 -20.28 -13.20
N THR B 144 -14.86 -21.06 -12.60
CA THR B 144 -15.29 -22.22 -11.85
C THR B 144 -16.06 -21.82 -10.59
N LYS B 145 -15.68 -20.70 -9.97
CA LYS B 145 -16.23 -20.30 -8.69
C LYS B 145 -17.54 -19.53 -8.86
N ASN B 146 -18.27 -19.37 -7.72
CA ASN B 146 -19.54 -18.64 -7.73
C ASN B 146 -19.34 -17.13 -7.92
N GLN B 147 -18.29 -16.58 -7.32
CA GLN B 147 -17.99 -15.17 -7.39
C GLN B 147 -17.01 -14.90 -8.53
N VAL B 148 -17.03 -13.66 -9.01
CA VAL B 148 -16.21 -13.25 -10.15
C VAL B 148 -15.65 -11.84 -9.90
N SER B 149 -14.33 -11.70 -10.06
CA SER B 149 -13.65 -10.41 -9.90
C SER B 149 -13.55 -9.72 -11.26
N LEU B 150 -14.08 -8.50 -11.36
CA LEU B 150 -13.85 -7.65 -12.53
C LEU B 150 -12.91 -6.52 -12.14
N TRP B 151 -11.95 -6.24 -13.01
CA TRP B 151 -10.75 -5.47 -12.68
C TRP B 151 -10.72 -4.12 -13.39
N CYS B 152 -10.14 -3.14 -12.72
CA CYS B 152 -10.03 -1.77 -13.25
C CYS B 152 -8.61 -1.32 -13.00
N LEU B 153 -7.81 -1.28 -14.07
CA LEU B 153 -6.41 -0.91 -13.95
C LEU B 153 -6.26 0.59 -14.20
N VAL B 154 -5.65 1.29 -13.25
CA VAL B 154 -5.42 2.74 -13.35
C VAL B 154 -3.93 2.99 -13.21
N LYS B 155 -3.29 3.49 -14.27
CA LYS B 155 -1.84 3.63 -14.25
C LYS B 155 -1.42 4.99 -14.81
N GLY B 156 -0.14 5.29 -14.60
CA GLY B 156 0.48 6.47 -15.17
C GLY B 156 -0.03 7.79 -14.64
N PHE B 157 -0.49 7.82 -13.39
CA PHE B 157 -1.00 9.06 -12.86
C PHE B 157 -0.06 9.66 -11.80
N TYR B 158 -0.14 10.97 -11.67
CA TYR B 158 0.62 11.69 -10.66
C TYR B 158 -0.18 12.95 -10.35
N PRO B 159 -0.28 13.33 -9.05
CA PRO B 159 0.23 12.66 -7.85
C PRO B 159 -0.66 11.44 -7.49
N SER B 160 -0.32 10.75 -6.41
CA SER B 160 -1.01 9.52 -6.05
C SER B 160 -2.38 9.76 -5.42
N ASP B 161 -2.75 10.99 -5.15
CA ASP B 161 -4.07 11.29 -4.65
C ASP B 161 -5.11 11.01 -5.73
N ILE B 162 -6.05 10.10 -5.43
CA ILE B 162 -6.97 9.60 -6.45
C ILE B 162 -8.10 8.89 -5.71
N ALA B 163 -9.20 8.64 -6.43
CA ALA B 163 -10.38 8.04 -5.85
C ALA B 163 -10.99 7.10 -6.88
N VAL B 164 -11.42 5.92 -6.46
CA VAL B 164 -11.91 4.92 -7.40
C VAL B 164 -13.20 4.34 -6.86
N GLU B 165 -14.23 4.32 -7.68
CA GLU B 165 -15.52 3.83 -7.25
C GLU B 165 -16.10 2.98 -8.37
N TRP B 166 -17.00 2.08 -7.99
CA TRP B 166 -17.66 1.19 -8.94
C TRP B 166 -19.16 1.40 -8.90
N GLU B 167 -19.81 1.02 -9.99
CA GLU B 167 -21.26 1.13 -10.07
C GLU B 167 -21.75 0.30 -11.23
N SER B 168 -23.05 0.01 -11.19
CA SER B 168 -23.78 -0.52 -12.32
C SER B 168 -25.23 -0.09 -12.18
N ASN B 169 -25.91 0.05 -13.33
CA ASN B 169 -27.30 0.49 -13.37
C ASN B 169 -27.51 1.80 -12.60
N GLY B 170 -26.52 2.68 -12.70
CA GLY B 170 -26.64 3.97 -12.04
C GLY B 170 -26.73 3.87 -10.54
N GLN B 171 -25.96 2.96 -9.93
CA GLN B 171 -26.04 2.73 -8.49
C GLN B 171 -24.74 2.14 -7.97
N PRO B 172 -24.30 2.52 -6.77
CA PRO B 172 -22.95 2.14 -6.33
C PRO B 172 -22.87 0.69 -5.92
N GLU B 173 -21.72 0.09 -6.22
CA GLU B 173 -21.38 -1.26 -5.76
C GLU B 173 -20.60 -1.19 -4.46
N ASN B 174 -20.92 -2.05 -3.50
CA ASN B 174 -20.07 -1.93 -2.33
C ASN B 174 -18.96 -2.96 -2.29
N ASN B 175 -19.11 -4.11 -2.95
CA ASN B 175 -18.15 -5.19 -2.75
C ASN B 175 -16.95 -5.04 -3.68
N TYR B 176 -16.19 -3.95 -3.46
CA TYR B 176 -14.95 -3.74 -4.18
C TYR B 176 -13.83 -3.40 -3.21
N LYS B 177 -12.60 -3.79 -3.55
CA LYS B 177 -11.41 -3.40 -2.81
C LYS B 177 -10.35 -2.88 -3.78
N THR B 178 -9.64 -1.83 -3.38
CA THR B 178 -8.71 -1.13 -4.24
C THR B 178 -7.33 -1.16 -3.59
N THR B 179 -6.29 -1.44 -4.38
CA THR B 179 -4.94 -1.50 -3.79
C THR B 179 -4.41 -0.10 -3.57
N PRO B 180 -3.38 0.05 -2.74
CA PRO B 180 -2.78 1.39 -2.59
C PRO B 180 -2.09 1.80 -3.87
N PRO B 181 -1.97 3.10 -4.12
CA PRO B 181 -1.11 3.54 -5.23
C PRO B 181 0.28 2.96 -5.05
N VAL B 182 0.91 2.62 -6.17
CA VAL B 182 2.23 2.00 -6.19
C VAL B 182 3.11 2.76 -7.16
N LEU B 183 4.28 3.15 -6.69
CA LEU B 183 5.21 3.88 -7.54
C LEU B 183 5.74 2.96 -8.63
N ASP B 184 5.59 3.40 -9.87
CA ASP B 184 6.04 2.68 -11.05
C ASP B 184 7.45 3.11 -11.42
N SER B 185 8.02 2.41 -12.42
CA SER B 185 9.40 2.65 -12.79
C SER B 185 9.58 4.07 -13.34
N ASP B 186 8.61 4.56 -14.11
CA ASP B 186 8.70 5.85 -14.78
C ASP B 186 8.28 7.02 -13.89
N GLY B 187 8.17 6.83 -12.57
CA GLY B 187 7.84 7.93 -11.68
C GLY B 187 6.36 8.20 -11.46
N SER B 188 5.48 7.57 -12.25
CA SER B 188 4.04 7.71 -12.06
C SER B 188 3.55 6.67 -11.05
N PHE B 189 2.24 6.61 -10.85
CA PHE B 189 1.65 5.64 -9.94
C PHE B 189 0.64 4.77 -10.68
N PHE B 190 0.34 3.63 -10.05
CA PHE B 190 -0.68 2.74 -10.58
C PHE B 190 -1.34 2.01 -9.43
N LEU B 191 -2.57 1.59 -9.67
CA LEU B 191 -3.34 0.76 -8.77
C LEU B 191 -4.27 -0.12 -9.60
N TYR B 192 -4.99 -0.98 -8.88
CA TYR B 192 -6.06 -1.81 -9.40
C TYR B 192 -7.21 -1.82 -8.42
N SER B 193 -8.42 -1.76 -8.96
CA SER B 193 -9.63 -1.94 -8.20
C SER B 193 -10.30 -3.24 -8.65
N ALA B 194 -10.66 -4.11 -7.69
CA ALA B 194 -11.32 -5.38 -7.99
C ALA B 194 -12.73 -5.38 -7.42
N LEU B 195 -13.73 -5.50 -8.29
CA LEU B 195 -15.12 -5.60 -7.87
C LEU B 195 -15.58 -7.04 -8.06
N THR B 196 -15.98 -7.69 -6.96
CA THR B 196 -16.39 -9.08 -7.00
C THR B 196 -17.91 -9.16 -6.86
N VAL B 197 -18.56 -9.76 -7.87
CA VAL B 197 -20.01 -9.91 -7.95
C VAL B 197 -20.33 -11.37 -8.25
N ASP B 198 -21.62 -11.68 -8.21
CA ASP B 198 -22.09 -13.04 -8.50
C ASP B 198 -21.82 -13.39 -9.95
N LYS B 199 -21.56 -14.67 -10.20
CA LYS B 199 -21.44 -15.08 -11.58
C LYS B 199 -22.71 -14.75 -12.34
N SER B 200 -23.87 -15.12 -11.79
CA SER B 200 -25.08 -14.81 -12.54
C SER B 200 -25.27 -13.32 -12.80
N ARG B 201 -24.67 -12.41 -12.04
CA ARG B 201 -24.83 -11.01 -12.43
C ARG B 201 -24.06 -10.71 -13.71
N TRP B 202 -22.89 -11.32 -13.90
CA TRP B 202 -21.98 -10.97 -15.00
C TRP B 202 -22.40 -11.58 -16.33
N GLN B 203 -22.96 -12.80 -16.36
CA GLN B 203 -23.36 -13.36 -17.65
C GLN B 203 -24.78 -12.97 -18.05
N GLN B 204 -25.61 -12.52 -17.09
CA GLN B 204 -26.79 -11.74 -17.47
C GLN B 204 -26.37 -10.67 -18.46
N GLY B 205 -25.18 -10.09 -18.25
CA GLY B 205 -24.65 -9.08 -19.12
C GLY B 205 -24.99 -7.72 -18.56
N ASN B 206 -24.96 -7.58 -17.24
CA ASN B 206 -25.04 -6.25 -16.66
C ASN B 206 -23.73 -5.53 -16.91
N VAL B 207 -23.81 -4.24 -17.25
CA VAL B 207 -22.61 -3.46 -17.49
C VAL B 207 -22.18 -2.81 -16.19
N PHE B 208 -20.90 -3.00 -15.84
CA PHE B 208 -20.33 -2.40 -14.64
C PHE B 208 -19.36 -1.30 -15.07
N SER B 209 -19.23 -0.28 -14.21
CA SER B 209 -18.47 0.90 -14.57
C SER B 209 -17.51 1.27 -13.45
N CYS B 210 -16.34 1.78 -13.84
CA CYS B 210 -15.26 2.13 -12.93
C CYS B 210 -15.07 3.65 -12.97
N SER B 211 -15.57 4.34 -11.95
CA SER B 211 -15.39 5.79 -11.84
C SER B 211 -14.04 6.09 -11.22
N VAL B 212 -13.34 7.09 -11.76
CA VAL B 212 -12.02 7.47 -11.26
C VAL B 212 -11.94 8.98 -11.16
N MET B 213 -11.56 9.49 -9.99
CA MET B 213 -11.43 10.92 -9.78
C MET B 213 -9.98 11.26 -9.51
N HIS B 214 -9.45 12.21 -10.28
CA HIS B 214 -8.04 12.58 -10.21
C HIS B 214 -7.89 13.95 -10.84
N GLU B 215 -6.91 14.73 -10.38
CA GLU B 215 -6.84 16.13 -10.82
C GLU B 215 -6.47 16.27 -12.29
N ALA B 216 -5.81 15.29 -12.88
CA ALA B 216 -5.33 15.43 -14.24
C ALA B 216 -6.33 14.93 -15.28
N LEU B 217 -7.53 14.58 -14.86
CA LEU B 217 -8.60 14.23 -15.79
C LEU B 217 -9.49 15.45 -16.04
N HIS B 218 -10.13 15.46 -17.19
CA HIS B 218 -11.02 16.56 -17.49
C HIS B 218 -12.29 16.43 -16.66
N ASN B 219 -12.75 17.55 -16.09
CA ASN B 219 -13.74 17.54 -15.01
C ASN B 219 -13.31 16.63 -13.86
N HIS B 220 -12.00 16.45 -13.68
CA HIS B 220 -11.49 15.61 -12.61
C HIS B 220 -12.17 14.24 -12.56
N TYR B 221 -12.64 13.73 -13.69
CA TYR B 221 -13.46 12.53 -13.64
C TYR B 221 -13.40 11.76 -14.95
N THR B 222 -13.41 10.42 -14.85
CA THR B 222 -13.57 9.57 -16.01
C THR B 222 -14.21 8.26 -15.58
N GLN B 223 -14.60 7.45 -16.57
CA GLN B 223 -15.48 6.32 -16.32
C GLN B 223 -15.34 5.32 -17.45
N LYS B 224 -15.05 4.08 -17.11
CA LYS B 224 -14.85 3.03 -18.10
C LYS B 224 -15.75 1.87 -17.72
N SER B 225 -16.51 1.38 -18.70
CA SER B 225 -17.51 0.34 -18.50
C SER B 225 -16.98 -0.99 -18.99
N LEU B 226 -17.67 -2.04 -18.57
CA LEU B 226 -17.20 -3.40 -18.74
C LEU B 226 -18.39 -4.32 -18.89
N SER B 227 -18.35 -5.20 -19.88
CA SER B 227 -19.41 -6.19 -20.02
C SER B 227 -18.94 -7.33 -20.91
N LEU B 228 -19.63 -8.46 -20.76
CA LEU B 228 -19.38 -9.64 -21.59
C LEU B 228 -19.87 -9.39 -23.02
N SER B 229 -19.11 -9.90 -23.98
CA SER B 229 -19.57 -9.86 -25.37
C SER B 229 -18.80 -10.85 -26.24
C1 NAG C . 18.60 9.50 13.63
C2 NAG C . 17.64 8.81 14.68
C3 NAG C . 16.36 8.20 14.04
C4 NAG C . 16.58 7.44 12.73
C5 NAG C . 17.96 7.72 12.13
C6 NAG C . 18.04 7.38 10.65
C7 NAG C . 18.05 7.56 16.79
C8 NAG C . 18.88 6.48 17.44
N2 NAG C . 18.34 7.82 15.50
O3 NAG C . 15.39 9.24 13.86
O4 NAG C . 16.31 6.04 12.83
O5 NAG C . 18.21 9.12 12.27
O6 NAG C . 17.23 8.21 9.83
O7 NAG C . 17.17 8.16 17.40
C1 NAG C . 14.92 5.81 12.40
C2 NAG C . 14.78 4.57 11.48
C3 NAG C . 13.29 4.37 11.11
C4 NAG C . 12.39 4.35 12.34
C5 NAG C . 12.69 5.55 13.25
C6 NAG C . 11.96 5.51 14.57
C7 NAG C . 16.46 3.76 9.90
C8 NAG C . 17.21 4.04 8.63
N2 NAG C . 15.59 4.69 10.28
O3 NAG C . 13.15 3.16 10.38
O4 NAG C . 11.02 4.33 11.96
O5 NAG C . 14.09 5.63 13.58
O6 NAG C . 11.84 6.80 15.15
O7 NAG C . 16.65 2.73 10.54
C1 BMA C . 10.40 3.01 12.16
C2 BMA C . 8.84 3.09 12.46
C3 BMA C . 8.23 1.67 12.55
C4 BMA C . 8.68 0.78 11.35
C5 BMA C . 10.21 0.83 11.14
C6 BMA C . 10.67 0.01 9.88
O2 BMA C . 8.13 3.77 11.40
O3 BMA C . 6.78 1.64 12.67
O4 BMA C . 8.26 -0.55 11.56
O5 BMA C . 10.61 2.21 10.99
O6 BMA C . 11.27 0.89 8.89
C1 MAN C . 11.60 0.23 7.64
C2 MAN C . 13.04 -0.39 7.73
C3 MAN C . 14.15 0.64 7.62
C4 MAN C . 14.00 1.40 6.30
C5 MAN C . 12.59 2.04 6.17
C6 MAN C . 12.27 2.49 4.76
O2 MAN C . 13.30 -1.10 6.52
O3 MAN C . 15.46 0.07 7.71
O4 MAN C . 15.00 2.41 6.21
O5 MAN C . 11.46 1.16 6.56
O6 MAN C . 10.98 3.12 4.79
C1 NAG C . 13.49 -2.49 6.81
C2 NAG C . 13.39 -3.22 5.49
C3 NAG C . 13.54 -4.72 5.71
C4 NAG C . 14.86 -5.02 6.42
C5 NAG C . 15.15 -4.09 7.61
C6 NAG C . 16.64 -4.01 7.90
C7 NAG C . 12.16 -1.91 3.83
C8 NAG C . 10.86 -1.70 3.13
N2 NAG C . 12.20 -2.90 4.74
O3 NAG C . 13.48 -5.40 4.47
O4 NAG C . 14.77 -6.34 6.96
O5 NAG C . 14.76 -2.72 7.38
O6 NAG C . 17.28 -3.10 7.00
O7 NAG C . 13.14 -1.20 3.61
C1 GAL C . 15.83 -7.27 6.61
C2 GAL C . 15.29 -8.78 6.68
C3 GAL C . 16.39 -9.84 6.30
C4 GAL C . 17.15 -9.43 5.02
C5 GAL C . 17.55 -7.94 5.11
C6 GAL C . 18.28 -7.40 3.86
O2 GAL C . 14.76 -9.11 7.95
O3 GAL C . 15.88 -11.18 6.07
O4 GAL C . 16.34 -9.66 3.89
O5 GAL C . 16.41 -7.07 5.32
O6 GAL C . 17.46 -6.45 3.17
C1 MAN C . 6.34 1.83 14.05
C2 MAN C . 6.40 0.48 14.90
C3 MAN C . 5.18 -0.46 14.68
C4 MAN C . 3.87 0.30 14.67
C5 MAN C . 3.99 1.50 13.66
C6 MAN C . 2.76 2.38 13.59
O2 MAN C . 6.39 0.73 16.32
O3 MAN C . 5.07 -1.51 15.67
O4 MAN C . 2.85 -0.63 14.29
O5 MAN C . 5.04 2.39 14.07
O6 MAN C . 3.20 3.64 13.04
C1 NAG D . -3.33 9.18 24.78
C2 NAG D . -2.05 8.66 24.13
C3 NAG D . -1.83 9.31 22.78
C4 NAG D . -3.08 9.18 21.91
C5 NAG D . -4.29 9.71 22.66
C6 NAG D . -5.58 9.50 21.89
C7 NAG D . -0.10 7.89 25.43
C8 NAG D . 1.03 8.31 26.31
N2 NAG D . -0.90 8.88 25.01
O3 NAG D . -0.74 8.66 22.15
O4 NAG D . -2.95 9.95 20.71
O5 NAG D . -4.43 8.99 23.89
O6 NAG D . -5.80 8.11 21.69
O7 NAG D . -0.28 6.72 25.11
C1 NAG D . -2.47 9.14 19.63
C2 NAG D . -3.23 9.60 18.42
C3 NAG D . -2.67 8.98 17.14
C4 NAG D . -1.15 9.09 17.08
C5 NAG D . -0.53 8.66 18.39
C6 NAG D . 0.96 8.89 18.50
C7 NAG D . -5.62 10.14 18.27
C8 NAG D . -7.02 9.62 18.45
N2 NAG D . -4.64 9.27 18.55
O3 NAG D . -3.24 9.69 16.06
O4 NAG D . -0.65 8.22 16.06
O5 NAG D . -1.12 9.38 19.47
O6 NAG D . 1.44 8.32 19.70
O7 NAG D . -5.39 11.30 17.90
C1 BMA D . -0.51 8.82 14.75
C2 BMA D . 0.87 8.46 14.13
C3 BMA D . 0.94 8.85 12.64
C4 BMA D . -0.33 8.41 11.90
C5 BMA D . -1.58 8.88 12.64
C6 BMA D . -2.85 8.41 12.00
O2 BMA D . 1.17 7.03 14.21
O3 BMA D . 2.07 8.24 11.99
O4 BMA D . -0.36 8.96 10.59
O5 BMA D . -1.54 8.35 13.96
O6 BMA D . -3.89 9.00 12.74
C1 MAN D . -5.17 8.71 12.15
C2 MAN D . -6.18 9.64 12.84
C3 MAN D . -6.55 9.16 14.24
C4 MAN D . -7.07 7.71 14.22
C5 MAN D . -6.01 6.77 13.55
C6 MAN D . -6.51 5.39 13.20
O2 MAN D . -7.36 9.66 12.13
O3 MAN D . -7.50 10.02 14.80
O4 MAN D . -7.38 7.23 15.55
O5 MAN D . -5.44 7.30 12.30
O6 MAN D . -5.35 4.69 12.65
C1 NAG D . -7.25 10.58 11.05
C2 NAG D . -8.27 10.19 9.99
C3 NAG D . -8.40 11.28 8.93
C4 NAG D . -8.63 12.66 9.54
C5 NAG D . -7.63 12.93 10.66
C6 NAG D . -7.90 14.17 11.50
C7 NAG D . -8.34 7.74 9.64
C8 NAG D . -7.77 6.61 8.83
N2 NAG D . -7.87 8.95 9.34
O3 NAG D . -9.49 10.94 8.08
O4 NAG D . -8.47 13.62 8.50
O5 NAG D . -7.53 11.82 11.57
O6 NAG D . -9.28 14.38 11.77
O7 NAG D . -9.18 7.54 10.52
C1 GAL D . -9.54 14.55 8.33
C2 GAL D . -9.16 15.46 7.12
C3 GAL D . -10.36 16.28 6.59
C4 GAL D . -11.66 15.40 6.56
C5 GAL D . -11.83 14.68 7.87
C6 GAL D . -13.09 13.77 7.97
O2 GAL D . -8.10 16.43 7.49
O3 GAL D . -10.14 16.87 5.27
O4 GAL D . -11.66 14.43 5.50
O5 GAL D . -10.68 13.84 8.09
O6 GAL D . -13.02 12.82 9.04
C1 MAN D . 3.15 9.11 11.61
C2 MAN D . 4.00 8.37 10.55
C3 MAN D . 4.58 7.11 11.20
C4 MAN D . 5.37 7.45 12.47
C5 MAN D . 4.51 8.32 13.42
C6 MAN D . 5.27 8.90 14.57
O2 MAN D . 4.99 9.26 10.20
O3 MAN D . 5.39 6.34 10.32
O4 MAN D . 5.70 6.23 13.09
O5 MAN D . 3.95 9.46 12.71
O6 MAN D . 4.34 9.18 15.59
C1 NAG D . 4.48 9.84 9.04
C2 NAG D . 5.26 11.12 8.70
C3 NAG D . 4.78 11.70 7.37
C4 NAG D . 4.66 10.64 6.27
C5 NAG D . 4.00 9.34 6.77
C6 NAG D . 4.12 8.20 5.79
C7 NAG D . 5.80 12.10 10.91
C8 NAG D . 5.53 13.25 11.85
N2 NAG D . 5.14 12.13 9.75
O3 NAG D . 5.70 12.71 6.96
O4 NAG D . 3.86 11.15 5.22
O5 NAG D . 4.62 8.91 7.99
O6 NAG D . 3.28 7.11 6.13
O7 NAG D . 6.57 11.19 11.20
C1 FUC D . -7.12 7.78 22.17
C2 FUC D . -7.54 6.48 21.46
C3 FUC D . -6.64 5.33 21.93
C4 FUC D . -6.74 5.19 23.44
C5 FUC D . -6.31 6.53 24.07
C6 FUC D . -6.44 6.58 25.58
O2 FUC D . -7.52 6.60 20.06
O3 FUC D . -7.07 4.13 21.36
O4 FUC D . -8.10 4.84 23.82
O5 FUC D . -7.11 7.62 23.57
#